data_6C6J
#
_entry.id   6C6J
#
_cell.length_a   41.498
_cell.length_b   98.153
_cell.length_c   55.228
_cell.angle_alpha   90.000
_cell.angle_beta   106.110
_cell.angle_gamma   90.000
#
_symmetry.space_group_name_H-M   'P 1 21 1'
#
loop_
_entity.id
_entity.type
_entity.pdbx_description
1 polymer 'Antigen-presenting glycoprotein CD1d1'
2 polymer Beta-2-microglobulin
3 branched alpha-D-mannopyranose-(1-3)-[alpha-D-mannopyranose-(1-6)]beta-D-mannopyranose-(1-4)-2-acetamido-2-deoxy-beta-D-glucopyranose-(1-4)-[alpha-L-fucopyranose-(1-6)]2-acetamido-2-deoxy-beta-D-glucopyranose
4 non-polymer 2-acetamido-2-deoxy-beta-D-glucopyranose
5 non-polymer 'PALMITIC ACID'
6 non-polymer '(5R,6S,7S)-5,6-dihydroxy-7-(octanoylamino)-N-(4-pentylphenyl)-8-{[(2S,3R,4S,5R,6R)-3,4,5-trihydroxy-6-(hydroxymethyl)te trahydro-2H-pyran-2-yl]oxy}octanamide'
7 water water
#
loop_
_entity_poly.entity_id
_entity_poly.type
_entity_poly.pdbx_seq_one_letter_code
_entity_poly.pdbx_strand_id
1 'polypeptide(L)'
;SEAQQKNYTFRCLQMSSFANRSWSRTDSVVWLGDLQTHRWSNDSATISFTKPWSQGKLSNQQWEKLQHMFQVYRVSFTRD
IQELVKMMSPKEDYPIEIQLSAGCEMYPGNASESFLHVAFQGKYVVRFWGTSWQTVPGAPSWLDLPIKVLNADQGTSATV
QMLLNDTCPLFVRGLLEAGKSDLEKQEKPVAWLSSVPSSAHGHRQLVCHVSGFYPKPVWVMWMRGDQEQQGTHRGDFLPN
ADETWYLQATLDVEAGEEAGLACRVKHSSLGGQDIILYWHHHHHH
;
A
2 'polypeptide(L)'
;QKTPQIQVYSRHPPENGKPNILNCYVTQFHPPHIEIQMLKNGKKIPKVEMSDMSFSKDWSFYILAHTEFTPTETDTYACR
VKHASMAEPKTVYWDRDM
;
B
#
loop_
_chem_comp.id
_chem_comp.type
_chem_comp.name
_chem_comp.formula
BMA D-saccharide, beta linking beta-D-mannopyranose 'C6 H12 O6'
FUC L-saccharide, alpha linking alpha-L-fucopyranose 'C6 H12 O5'
J76 non-polymer '(5R,6S,7S)-5,6-dihydroxy-7-(octanoylamino)-N-(4-pentylphenyl)-8-{[(2S,3R,4S,5R,6R)-3,4,5-trihydroxy-6-(hydroxymethyl)te trahydro-2H-pyran-2-yl]oxy}octanamide' 'C33 H56 N2 O10'
MAN D-saccharide, alpha linking alpha-D-mannopyranose 'C6 H12 O6'
NAG D-saccharide, beta linking 2-acetamido-2-deoxy-beta-D-glucopyranose 'C8 H15 N O6'
PLM non-polymer 'PALMITIC ACID' 'C16 H32 O2'
#
# COMPACT_ATOMS: atom_id res chain seq x y z
N ASN A 7 16.56 -8.54 -0.07
CA ASN A 7 16.60 -7.05 -0.26
C ASN A 7 15.37 -6.36 0.31
N TYR A 8 15.43 -6.02 1.60
CA TYR A 8 14.33 -5.32 2.27
C TYR A 8 14.45 -3.82 2.03
N THR A 9 13.33 -3.20 1.67
CA THR A 9 13.23 -1.76 1.53
C THR A 9 12.36 -1.24 2.66
N PHE A 10 12.93 -0.30 3.39
CA PHE A 10 12.28 0.38 4.49
C PHE A 10 11.79 1.69 3.91
N ARG A 11 10.48 1.94 4.00
CA ARG A 11 9.87 3.15 3.42
C ARG A 11 9.05 3.89 4.44
N CYS A 12 9.39 5.15 4.71
CA CYS A 12 8.57 6.04 5.51
C CYS A 12 7.81 6.91 4.55
N LEU A 13 6.49 6.85 4.61
CA LEU A 13 5.61 7.51 3.63
C LEU A 13 4.81 8.57 4.36
N GLN A 14 5.02 9.83 3.99
CA GLN A 14 4.34 10.97 4.62
C GLN A 14 3.41 11.55 3.59
N MET A 15 2.18 11.82 4.02
CA MET A 15 1.16 12.37 3.16
C MET A 15 0.62 13.59 3.86
N SER A 16 0.80 14.76 3.25
CA SER A 16 0.35 16.02 3.82
C SER A 16 -0.65 16.66 2.88
N SER A 17 -1.84 16.99 3.40
CA SER A 17 -2.91 17.65 2.67
C SER A 17 -3.11 19.02 3.27
N PHE A 18 -3.03 20.06 2.46
CA PHE A 18 -3.27 21.45 2.88
C PHE A 18 -4.48 21.93 2.09
N ALA A 19 -5.64 22.00 2.73
CA ALA A 19 -6.91 22.29 2.03
C ALA A 19 -7.09 23.79 1.78
N ASN A 20 -6.73 24.58 2.79
CA ASN A 20 -6.82 26.05 2.77
C ASN A 20 -5.87 26.54 3.86
N ARG A 21 -5.79 27.85 4.10
CA ARG A 21 -4.88 28.39 5.12
C ARG A 21 -5.14 27.92 6.56
N SER A 22 -6.38 27.48 6.85
CA SER A 22 -6.78 27.08 8.19
C SER A 22 -6.77 25.57 8.44
N TRP A 23 -6.69 24.75 7.38
CA TRP A 23 -6.81 23.30 7.50
C TRP A 23 -5.63 22.59 6.83
N SER A 24 -4.92 21.78 7.60
CA SER A 24 -4.00 20.82 7.00
C SER A 24 -3.79 19.62 7.92
N ARG A 25 -3.40 18.49 7.33
CA ARG A 25 -3.00 17.35 8.13
C ARG A 25 -1.84 16.61 7.48
N THR A 26 -1.04 15.97 8.32
CA THR A 26 0.08 15.13 7.91
C THR A 26 -0.05 13.77 8.60
N ASP A 27 -0.04 12.72 7.79
CA ASP A 27 -0.15 11.35 8.28
C ASP A 27 0.96 10.56 7.63
N SER A 28 1.54 9.63 8.39
CA SER A 28 2.60 8.77 7.90
C SER A 28 2.33 7.30 8.17
N VAL A 29 2.89 6.47 7.31
CA VAL A 29 2.93 5.03 7.48
C VAL A 29 4.34 4.58 7.18
N VAL A 30 4.77 3.51 7.84
CA VAL A 30 6.11 2.99 7.62
C VAL A 30 6.03 1.51 7.30
N TRP A 31 6.75 1.10 6.26
CA TRP A 31 6.78 -0.27 5.77
C TRP A 31 8.19 -0.82 5.81
N LEU A 32 8.34 -2.07 6.25
CA LEU A 32 9.58 -2.83 6.02
C LEU A 32 9.22 -3.97 5.08
N GLY A 33 9.69 -3.88 3.84
CA GLY A 33 9.12 -4.66 2.74
C GLY A 33 7.63 -4.42 2.62
N ASP A 34 6.84 -5.49 2.65
CA ASP A 34 5.38 -5.39 2.56
C ASP A 34 4.64 -5.47 3.92
N LEU A 35 5.36 -5.35 5.04
CA LEU A 35 4.75 -5.34 6.37
C LEU A 35 4.81 -3.95 6.99
N GLN A 36 3.68 -3.45 7.44
CA GLN A 36 3.62 -2.16 8.08
C GLN A 36 4.20 -2.25 9.49
N THR A 37 5.13 -1.35 9.80
CA THR A 37 5.77 -1.29 11.12
C THR A 37 5.33 -0.11 12.00
N HIS A 38 4.94 1.01 11.38
CA HIS A 38 4.51 2.17 12.13
C HIS A 38 3.36 2.88 11.46
N ARG A 39 2.68 3.68 12.26
CA ARG A 39 1.67 4.61 11.78
C ARG A 39 1.89 5.87 12.60
N TRP A 40 1.78 7.04 11.96
CA TRP A 40 1.77 8.29 12.70
C TRP A 40 0.66 9.18 12.19
N SER A 41 -0.44 9.14 12.93
CA SER A 41 -1.61 9.89 12.59
C SER A 41 -1.35 11.35 12.94
N ASN A 42 -1.98 12.23 12.18
CA ASN A 42 -1.99 13.66 12.50
C ASN A 42 -2.50 13.90 13.92
N ASP A 43 -3.49 13.13 14.33
CA ASP A 43 -4.13 13.27 15.66
C ASP A 43 -3.21 12.90 16.83
N SER A 44 -2.17 12.12 16.57
CA SER A 44 -1.29 11.60 17.60
C SER A 44 0.04 12.36 17.75
N ALA A 45 0.41 12.65 19.00
CA ALA A 45 1.70 13.27 19.28
C ALA A 45 2.86 12.32 19.03
N THR A 46 2.61 11.02 19.17
CA THR A 46 3.63 10.00 19.10
C THR A 46 3.40 9.02 17.96
N ILE A 47 4.49 8.43 17.52
CA ILE A 47 4.52 7.44 16.45
C ILE A 47 4.08 6.11 17.03
N SER A 48 3.06 5.52 16.42
CA SER A 48 2.45 4.29 16.91
C SER A 48 3.12 3.06 16.29
N PHE A 49 3.24 2.01 17.10
CA PHE A 49 3.81 0.75 16.67
C PHE A 49 2.71 -0.14 16.14
N THR A 50 2.93 -0.74 14.99
CA THR A 50 2.01 -1.73 14.45
C THR A 50 2.59 -3.14 14.53
N LYS A 51 3.79 -3.27 15.11
CA LYS A 51 4.37 -4.57 15.47
C LYS A 51 4.91 -4.50 16.89
N PRO A 52 4.97 -5.65 17.60
CA PRO A 52 5.63 -5.64 18.91
C PRO A 52 7.12 -5.28 18.84
N TRP A 53 7.73 -5.48 17.68
CA TRP A 53 9.16 -5.19 17.41
C TRP A 53 9.44 -3.85 16.67
N SER A 54 8.46 -2.94 16.62
CA SER A 54 8.58 -1.68 15.85
C SER A 54 9.63 -0.70 16.39
N GLN A 55 10.03 -0.86 17.66
CA GLN A 55 11.14 -0.06 18.21
C GLN A 55 12.52 -0.56 17.79
N GLY A 56 12.59 -1.70 17.08
CA GLY A 56 13.86 -2.27 16.67
C GLY A 56 14.70 -2.65 17.88
N LYS A 57 15.99 -2.32 17.83
CA LYS A 57 16.90 -2.49 18.98
C LYS A 57 17.22 -1.18 19.70
N LEU A 58 16.42 -0.15 19.48
CA LEU A 58 16.60 1.14 20.14
C LEU A 58 16.04 1.08 21.54
N SER A 59 16.82 1.59 22.50
CA SER A 59 16.33 1.79 23.86
C SER A 59 15.18 2.77 23.86
N ASN A 60 14.43 2.79 24.96
CA ASN A 60 13.31 3.72 25.09
C ASN A 60 13.78 5.17 24.94
N GLN A 61 14.96 5.49 25.49
CA GLN A 61 15.52 6.84 25.42
C GLN A 61 15.96 7.21 23.99
N GLN A 62 16.63 6.27 23.31
CA GLN A 62 17.03 6.47 21.92
C GLN A 62 15.80 6.67 21.01
N TRP A 63 14.75 5.89 21.27
CA TRP A 63 13.52 6.01 20.50
C TRP A 63 12.85 7.37 20.73
N GLU A 64 12.78 7.83 21.99
CA GLU A 64 12.13 9.11 22.30
C GLU A 64 12.86 10.30 21.63
N LYS A 65 14.18 10.20 21.49
CA LYS A 65 15.00 11.23 20.83
C LYS A 65 14.72 11.29 19.34
N LEU A 66 14.68 10.12 18.70
CA LEU A 66 14.34 10.02 17.29
C LEU A 66 12.91 10.52 17.06
N GLN A 67 11.97 10.02 17.86
CA GLN A 67 10.60 10.52 17.85
C GLN A 67 10.54 12.03 18.02
N HIS A 68 11.33 12.57 18.95
CA HIS A 68 11.30 14.01 19.20
C HIS A 68 11.73 14.82 17.97
N MET A 69 12.75 14.34 17.29
CA MET A 69 13.22 14.94 16.06
C MET A 69 12.10 15.00 15.01
N PHE A 70 11.36 13.91 14.88
CA PHE A 70 10.23 13.88 13.95
C PHE A 70 9.08 14.76 14.41
N GLN A 71 8.82 14.85 15.71
CA GLN A 71 7.79 15.78 16.22
C GLN A 71 8.09 17.24 15.88
N VAL A 72 9.36 17.63 16.02
CA VAL A 72 9.78 19.00 15.68
C VAL A 72 9.68 19.19 14.17
N TYR A 73 10.17 18.20 13.41
CA TYR A 73 10.07 18.25 11.95
C TYR A 73 8.64 18.47 11.46
N ARG A 74 7.70 17.67 11.99
CA ARG A 74 6.31 17.73 11.51
C ARG A 74 5.72 19.13 11.69
N VAL A 75 5.96 19.75 12.84
CA VAL A 75 5.49 21.12 13.07
C VAL A 75 6.20 22.11 12.15
N SER A 76 7.53 22.01 12.04
CA SER A 76 8.34 22.95 11.23
C SER A 76 7.98 22.87 9.75
N PHE A 77 7.87 21.63 9.26
CA PHE A 77 7.46 21.37 7.89
C PHE A 77 6.10 22.01 7.58
N THR A 78 5.11 21.79 8.45
CA THR A 78 3.78 22.34 8.27
C THR A 78 3.81 23.88 8.21
N ARG A 79 4.51 24.48 9.16
CA ARG A 79 4.75 25.94 9.18
C ARG A 79 5.43 26.41 7.89
N ASP A 80 6.53 25.74 7.51
CA ASP A 80 7.28 26.13 6.31
C ASP A 80 6.42 26.14 5.05
N ILE A 81 5.61 25.08 4.85
CA ILE A 81 4.75 25.02 3.67
C ILE A 81 3.69 26.12 3.68
N GLN A 82 3.05 26.34 4.82
CA GLN A 82 2.08 27.43 4.96
C GLN A 82 2.70 28.79 4.65
N GLU A 83 3.91 29.04 5.15
CA GLU A 83 4.62 30.31 4.87
C GLU A 83 4.96 30.45 3.39
N LEU A 84 5.42 29.36 2.78
CA LEU A 84 5.71 29.34 1.36
C LEU A 84 4.49 29.67 0.49
N VAL A 85 3.34 29.09 0.83
CA VAL A 85 2.11 29.34 0.07
C VAL A 85 1.65 30.81 0.20
N LYS A 86 1.73 31.35 1.42
CA LYS A 86 1.46 32.77 1.65
C LYS A 86 2.36 33.66 0.81
N MET A 87 3.65 33.33 0.77
CA MET A 87 4.62 34.10 -0.02
C MET A 87 4.34 34.01 -1.52
N MET A 88 3.93 32.83 -1.99
CA MET A 88 3.64 32.63 -3.41
C MET A 88 2.26 33.11 -3.87
N SER A 89 1.36 33.43 -2.93
CA SER A 89 -0.02 33.80 -3.27
C SER A 89 -0.08 34.98 -4.26
N PRO A 90 -1.01 34.96 -5.22
CA PRO A 90 -2.00 33.91 -5.48
C PRO A 90 -1.54 32.84 -6.48
N LYS A 91 -0.29 32.91 -6.94
CA LYS A 91 0.18 32.12 -8.09
C LYS A 91 0.21 30.62 -7.81
N GLU A 92 0.64 30.26 -6.59
CA GLU A 92 0.47 28.91 -6.06
C GLU A 92 -0.51 29.03 -4.91
N ASP A 93 -1.57 28.23 -4.95
CA ASP A 93 -2.62 28.30 -3.94
C ASP A 93 -3.21 26.94 -3.63
N TYR A 94 -3.95 26.88 -2.52
CA TYR A 94 -4.57 25.66 -2.03
C TYR A 94 -5.64 25.13 -3.03
N PRO A 95 -6.00 23.83 -3.02
CA PRO A 95 -5.44 22.79 -2.14
C PRO A 95 -4.11 22.22 -2.66
N ILE A 96 -3.31 21.72 -1.72
CA ILE A 96 -1.95 21.25 -1.99
C ILE A 96 -1.78 19.88 -1.35
N GLU A 97 -1.26 18.92 -2.13
CA GLU A 97 -0.86 17.64 -1.60
C GLU A 97 0.66 17.54 -1.74
N ILE A 98 1.32 17.21 -0.63
CA ILE A 98 2.74 16.90 -0.62
C ILE A 98 2.94 15.49 -0.06
N GLN A 99 3.73 14.70 -0.77
CA GLN A 99 4.08 13.35 -0.34
C GLN A 99 5.60 13.24 -0.20
N LEU A 100 6.07 12.56 0.84
CA LEU A 100 7.49 12.22 0.98
C LEU A 100 7.63 10.71 1.06
N SER A 101 8.62 10.17 0.36
CA SER A 101 8.98 8.78 0.47
C SER A 101 10.45 8.76 0.80
N ALA A 102 10.79 8.26 1.99
CA ALA A 102 12.16 8.28 2.48
C ALA A 102 12.48 6.99 3.23
N GLY A 103 13.73 6.57 3.11
CA GLY A 103 14.18 5.36 3.79
C GLY A 103 15.40 4.79 3.14
N CYS A 104 15.51 3.46 3.20
CA CYS A 104 16.70 2.79 2.77
C CYS A 104 16.42 1.35 2.35
N GLU A 105 17.20 0.89 1.37
CA GLU A 105 17.11 -0.46 0.84
C GLU A 105 18.33 -1.20 1.34
N MET A 106 18.10 -2.29 2.08
CA MET A 106 19.17 -3.06 2.71
C MET A 106 19.63 -4.17 1.76
N TYR A 107 20.93 -4.15 1.45
CA TYR A 107 21.56 -5.16 0.60
C TYR A 107 22.50 -6.05 1.42
N PRO A 108 22.73 -7.30 0.99
CA PRO A 108 23.68 -8.17 1.69
C PRO A 108 25.13 -7.71 1.50
N GLY A 109 25.93 -7.78 2.56
CA GLY A 109 27.34 -7.39 2.51
C GLY A 109 27.52 -5.88 2.50
N SER A 112 23.90 -0.75 1.94
CA SER A 112 22.59 -0.14 1.71
C SER A 112 22.65 1.15 0.88
N GLU A 113 21.50 1.53 0.33
CA GLU A 113 21.33 2.82 -0.33
C GLU A 113 20.10 3.48 0.29
N SER A 114 20.11 4.80 0.38
CA SER A 114 19.01 5.56 0.96
C SER A 114 18.44 6.53 -0.05
N PHE A 115 17.23 7.02 0.24
CA PHE A 115 16.49 7.86 -0.67
C PHE A 115 15.56 8.76 0.11
N LEU A 116 15.29 9.93 -0.47
CA LEU A 116 14.31 10.87 0.05
C LEU A 116 13.73 11.60 -1.17
N HIS A 117 12.52 11.21 -1.55
CA HIS A 117 11.82 11.80 -2.71
C HIS A 117 10.58 12.54 -2.24
N VAL A 118 10.30 13.66 -2.88
CA VAL A 118 9.17 14.51 -2.54
C VAL A 118 8.33 14.75 -3.78
N ALA A 119 7.01 14.61 -3.64
CA ALA A 119 6.06 14.89 -4.72
C ALA A 119 5.11 16.00 -4.34
N PHE A 120 4.77 16.85 -5.31
CA PHE A 120 3.84 17.97 -5.14
C PHE A 120 2.71 17.76 -6.13
N GLN A 121 1.47 17.81 -5.64
CA GLN A 121 0.29 17.56 -6.46
C GLN A 121 0.42 16.25 -7.25
N GLY A 122 1.00 15.23 -6.61
CA GLY A 122 1.12 13.90 -7.19
C GLY A 122 2.28 13.67 -8.15
N LYS A 123 3.17 14.64 -8.31
CA LYS A 123 4.31 14.53 -9.25
C LYS A 123 5.61 14.71 -8.50
N TYR A 124 6.56 13.82 -8.74
CA TYR A 124 7.91 13.90 -8.18
C TYR A 124 8.59 15.21 -8.56
N VAL A 125 8.99 15.99 -7.56
CA VAL A 125 9.63 17.30 -7.81
C VAL A 125 11.01 17.52 -7.18
N VAL A 126 11.27 16.91 -6.02
CA VAL A 126 12.43 17.23 -5.21
C VAL A 126 12.98 15.95 -4.61
N ARG A 127 14.31 15.86 -4.51
CA ARG A 127 14.95 14.81 -3.73
C ARG A 127 16.06 15.38 -2.87
N PHE A 128 16.45 14.64 -1.84
CA PHE A 128 17.71 14.89 -1.18
C PHE A 128 18.73 13.91 -1.75
N TRP A 129 19.90 14.40 -2.13
CA TRP A 129 20.91 13.55 -2.75
C TRP A 129 22.28 14.12 -2.43
N GLY A 130 23.18 13.29 -1.92
CA GLY A 130 24.51 13.74 -1.53
C GLY A 130 24.46 14.59 -0.26
N THR A 131 24.69 15.89 -0.41
CA THR A 131 24.70 16.84 0.70
C THR A 131 23.62 17.92 0.58
N SER A 132 22.74 17.82 -0.42
CA SER A 132 21.74 18.86 -0.63
C SER A 132 20.42 18.37 -1.20
N TRP A 133 19.44 19.24 -1.03
CA TRP A 133 18.14 19.13 -1.66
C TRP A 133 18.29 19.60 -3.09
N GLN A 134 17.53 19.00 -3.99
CA GLN A 134 17.55 19.42 -5.37
C GLN A 134 16.20 19.22 -5.99
N THR A 135 15.87 20.12 -6.87
CA THR A 135 14.71 19.97 -7.72
C THR A 135 15.13 18.99 -8.84
N VAL A 136 14.19 18.17 -9.31
CA VAL A 136 14.48 17.22 -10.38
C VAL A 136 14.17 17.89 -11.73
N PRO A 137 14.76 17.39 -12.84
CA PRO A 137 14.48 18.00 -14.15
C PRO A 137 12.99 17.98 -14.46
N GLY A 138 12.45 19.12 -14.89
CA GLY A 138 11.03 19.23 -15.20
C GLY A 138 10.15 19.77 -14.08
N ALA A 139 10.70 19.91 -12.88
CA ALA A 139 9.93 20.42 -11.75
C ALA A 139 9.64 21.91 -11.96
N PRO A 140 8.54 22.43 -11.37
CA PRO A 140 8.21 23.83 -11.59
C PRO A 140 9.32 24.76 -11.12
N SER A 141 9.64 25.77 -11.94
CA SER A 141 10.78 26.63 -11.63
C SER A 141 10.62 27.45 -10.34
N TRP A 142 9.38 27.66 -9.91
CA TRP A 142 9.13 28.38 -8.66
C TRP A 142 9.67 27.66 -7.40
N LEU A 143 9.96 26.37 -7.51
CA LEU A 143 10.58 25.62 -6.42
C LEU A 143 12.08 25.91 -6.23
N ASP A 144 12.74 26.45 -7.25
CA ASP A 144 14.22 26.58 -7.20
C ASP A 144 14.69 27.45 -6.04
N LEU A 145 14.06 28.60 -5.88
CA LEU A 145 14.44 29.53 -4.82
C LEU A 145 14.19 28.98 -3.41
N PRO A 146 12.98 28.48 -3.10
CA PRO A 146 12.77 27.83 -1.79
C PRO A 146 13.75 26.68 -1.47
N ILE A 147 14.11 25.89 -2.48
CA ILE A 147 15.10 24.83 -2.30
C ILE A 147 16.51 25.40 -2.05
N LYS A 148 16.94 26.39 -2.82
CA LYS A 148 18.19 27.12 -2.55
C LYS A 148 18.24 27.61 -1.09
N VAL A 149 17.14 28.18 -0.62
CA VAL A 149 17.06 28.69 0.74
C VAL A 149 17.17 27.55 1.76
N LEU A 150 16.43 26.46 1.52
CA LEU A 150 16.53 25.30 2.41
C LEU A 150 17.96 24.74 2.46
N ASN A 151 18.63 24.71 1.31
CA ASN A 151 20.03 24.28 1.24
C ASN A 151 21.01 25.12 2.05
N ALA A 152 20.64 26.36 2.35
CA ALA A 152 21.47 27.21 3.21
C ALA A 152 21.39 26.78 4.68
N ASP A 153 20.36 26.01 5.06
CA ASP A 153 20.22 25.49 6.42
C ASP A 153 21.14 24.27 6.61
N GLN A 154 22.37 24.53 7.02
CA GLN A 154 23.38 23.47 7.22
C GLN A 154 23.00 22.43 8.25
N GLY A 155 22.38 22.87 9.34
CA GLY A 155 21.99 21.96 10.42
C GLY A 155 20.96 20.95 9.95
N THR A 156 19.97 21.42 9.19
CA THR A 156 19.00 20.51 8.58
C THR A 156 19.68 19.56 7.59
N SER A 157 20.59 20.07 6.76
CA SER A 157 21.30 19.23 5.78
C SER A 157 22.12 18.14 6.50
N ALA A 158 22.83 18.52 7.56
CA ALA A 158 23.59 17.57 8.38
C ALA A 158 22.70 16.50 9.05
N THR A 159 21.54 16.92 9.57
CA THR A 159 20.58 15.99 10.17
C THR A 159 20.02 14.98 9.16
N VAL A 160 19.63 15.48 7.99
CA VAL A 160 19.11 14.64 6.92
C VAL A 160 20.18 13.66 6.44
N GLN A 161 21.40 14.15 6.21
CA GLN A 161 22.52 13.28 5.84
C GLN A 161 22.74 12.16 6.86
N MET A 162 22.71 12.48 8.15
CA MET A 162 22.81 11.49 9.23
C MET A 162 21.67 10.46 9.16
N LEU A 163 20.44 10.97 9.08
CA LEU A 163 19.26 10.10 9.04
C LEU A 163 19.32 9.12 7.86
N LEU A 164 19.65 9.61 6.68
CA LEU A 164 19.71 8.76 5.49
C LEU A 164 20.92 7.84 5.50
N ASN A 165 22.09 8.39 5.77
CA ASN A 165 23.32 7.62 5.60
C ASN A 165 23.53 6.63 6.75
N ASP A 166 23.13 7.01 7.96
CA ASP A 166 23.51 6.29 9.19
C ASP A 166 22.33 5.74 9.97
N THR A 167 21.39 6.60 10.37
CA THR A 167 20.27 6.19 11.22
C THR A 167 19.38 5.14 10.56
N CYS A 168 19.11 5.30 9.27
CA CYS A 168 18.21 4.39 8.56
C CYS A 168 18.76 2.97 8.54
N PRO A 169 19.95 2.75 7.94
CA PRO A 169 20.44 1.36 7.89
C PRO A 169 20.65 0.70 9.27
N LEU A 170 21.04 1.49 10.27
CA LEU A 170 21.21 0.98 11.62
C LEU A 170 19.88 0.59 12.26
N PHE A 171 18.90 1.48 12.17
CA PHE A 171 17.57 1.19 12.69
C PHE A 171 16.98 -0.04 12.03
N VAL A 172 17.15 -0.14 10.72
CA VAL A 172 16.57 -1.24 9.94
C VAL A 172 17.24 -2.57 10.29
N ARG A 173 18.57 -2.59 10.44
CA ARG A 173 19.24 -3.83 10.89
C ARG A 173 18.68 -4.34 12.23
N GLY A 174 18.37 -3.41 13.13
CA GLY A 174 17.71 -3.74 14.40
C GLY A 174 16.30 -4.30 14.21
N LEU A 175 15.54 -3.72 13.29
CA LEU A 175 14.21 -4.23 12.93
C LEU A 175 14.21 -5.64 12.36
N LEU A 176 15.18 -5.90 11.48
CA LEU A 176 15.35 -7.23 10.89
C LEU A 176 15.65 -8.27 11.98
N GLU A 177 16.50 -7.92 12.96
CA GLU A 177 16.73 -8.81 14.10
C GLU A 177 15.48 -8.98 14.96
N ALA A 178 14.92 -7.85 15.39
CA ALA A 178 13.81 -7.85 16.33
C ALA A 178 12.54 -8.49 15.76
N GLY A 179 12.35 -8.35 14.44
CA GLY A 179 11.13 -8.82 13.74
C GLY A 179 11.30 -10.09 12.92
N LYS A 180 12.39 -10.81 13.15
CA LYS A 180 12.77 -11.94 12.30
C LYS A 180 11.66 -12.98 12.13
N SER A 181 11.03 -13.39 13.23
CA SER A 181 10.00 -14.43 13.16
C SER A 181 8.77 -13.98 12.34
N ASP A 182 8.40 -12.70 12.44
CA ASP A 182 7.35 -12.14 11.57
C ASP A 182 7.81 -12.00 10.13
N LEU A 183 9.01 -11.47 9.91
CA LEU A 183 9.52 -11.27 8.55
C LEU A 183 9.69 -12.57 7.79
N GLU A 184 10.05 -13.64 8.51
CA GLU A 184 10.24 -14.96 7.91
C GLU A 184 9.03 -15.89 8.04
N LYS A 185 7.86 -15.34 8.38
CA LYS A 185 6.66 -16.17 8.55
C LYS A 185 6.25 -16.82 7.23
N GLN A 186 5.67 -18.01 7.32
CA GLN A 186 5.15 -18.73 6.17
C GLN A 186 3.65 -18.95 6.40
N GLU A 187 2.82 -18.45 5.48
CA GLU A 187 1.38 -18.67 5.52
C GLU A 187 0.96 -19.37 4.24
N LYS A 188 0.17 -20.43 4.39
CA LYS A 188 -0.22 -21.29 3.26
C LYS A 188 -1.38 -20.73 2.44
N PRO A 189 -1.25 -20.75 1.10
CA PRO A 189 -2.38 -20.38 0.27
C PRO A 189 -3.52 -21.40 0.38
N VAL A 190 -4.75 -20.92 0.20
CA VAL A 190 -5.90 -21.77 -0.12
C VAL A 190 -6.32 -21.37 -1.52
N ALA A 191 -6.75 -22.33 -2.32
CA ALA A 191 -7.11 -22.08 -3.72
C ALA A 191 -8.54 -22.53 -4.01
N TRP A 192 -9.16 -21.89 -5.00
CA TRP A 192 -10.46 -22.33 -5.49
C TRP A 192 -10.67 -21.92 -6.94
N LEU A 193 -11.51 -22.67 -7.66
CA LEU A 193 -11.74 -22.44 -9.08
C LEU A 193 -13.13 -21.85 -9.33
N SER A 194 -13.24 -21.06 -10.40
CA SER A 194 -14.53 -20.54 -10.84
C SER A 194 -14.52 -20.19 -12.33
N SER A 195 -15.72 -19.88 -12.83
CA SER A 195 -15.90 -19.26 -14.15
C SER A 195 -17.33 -18.70 -14.23
N VAL A 196 -17.60 -17.83 -15.19
CA VAL A 196 -18.99 -17.40 -15.45
C VAL A 196 -19.77 -18.52 -16.14
N PRO A 197 -21.08 -18.67 -15.83
CA PRO A 197 -21.89 -19.73 -16.45
C PRO A 197 -22.35 -19.39 -17.87
N HIS A 203 -16.83 -20.63 -25.52
CA HIS A 203 -15.59 -20.02 -25.04
C HIS A 203 -15.77 -19.47 -23.61
N ARG A 204 -14.89 -19.88 -22.70
CA ARG A 204 -14.99 -19.52 -21.27
C ARG A 204 -13.67 -19.00 -20.70
N GLN A 205 -13.76 -18.35 -19.54
CA GLN A 205 -12.59 -17.90 -18.80
C GLN A 205 -12.57 -18.58 -17.44
N LEU A 206 -11.62 -19.50 -17.26
CA LEU A 206 -11.47 -20.21 -15.98
C LEU A 206 -10.57 -19.39 -15.07
N VAL A 207 -10.95 -19.29 -13.79
CA VAL A 207 -10.25 -18.46 -12.82
C VAL A 207 -9.80 -19.30 -11.63
N CYS A 208 -8.51 -19.26 -11.35
CA CYS A 208 -7.92 -19.93 -10.20
C CYS A 208 -7.56 -18.85 -9.18
N HIS A 209 -8.21 -18.91 -8.03
CA HIS A 209 -8.08 -17.91 -6.97
C HIS A 209 -7.14 -18.51 -5.93
N VAL A 210 -6.14 -17.75 -5.51
CA VAL A 210 -5.14 -18.21 -4.54
C VAL A 210 -5.02 -17.13 -3.45
N SER A 211 -5.35 -17.49 -2.22
CA SER A 211 -5.47 -16.49 -1.15
C SER A 211 -4.88 -16.95 0.17
N GLY A 212 -4.25 -16.02 0.89
CA GLY A 212 -3.73 -16.29 2.20
C GLY A 212 -2.27 -16.69 2.25
N PHE A 213 -1.53 -16.51 1.15
CA PHE A 213 -0.11 -16.86 1.11
C PHE A 213 0.77 -15.71 1.61
N TYR A 214 1.85 -16.09 2.28
CA TYR A 214 2.92 -15.19 2.66
C TYR A 214 4.20 -16.03 2.81
N PRO A 215 5.36 -15.59 2.32
CA PRO A 215 5.59 -14.31 1.64
C PRO A 215 5.09 -14.23 0.21
N LYS A 216 5.31 -13.10 -0.42
CA LYS A 216 4.71 -12.79 -1.71
C LYS A 216 5.08 -13.73 -2.88
N PRO A 217 6.34 -14.20 -2.97
CA PRO A 217 6.66 -15.00 -4.16
C PRO A 217 5.81 -16.28 -4.26
N VAL A 218 5.23 -16.51 -5.42
CA VAL A 218 4.29 -17.60 -5.64
C VAL A 218 4.28 -17.99 -7.13
N TRP A 219 3.91 -19.23 -7.40
CA TRP A 219 3.76 -19.70 -8.79
C TRP A 219 2.39 -20.31 -8.93
N VAL A 220 1.60 -19.80 -9.88
CA VAL A 220 0.24 -20.27 -10.12
C VAL A 220 0.07 -20.44 -11.62
N MET A 221 -0.32 -21.63 -12.04
CA MET A 221 -0.35 -21.98 -13.46
C MET A 221 -1.50 -22.93 -13.77
N TRP A 222 -2.17 -22.68 -14.88
CA TRP A 222 -3.10 -23.66 -15.41
C TRP A 222 -2.28 -24.72 -16.14
N MET A 223 -2.64 -25.98 -15.91
CA MET A 223 -1.92 -27.14 -16.44
C MET A 223 -2.91 -28.06 -17.16
N ARG A 224 -2.46 -28.75 -18.21
CA ARG A 224 -3.13 -29.98 -18.68
C ARG A 224 -2.11 -31.10 -18.52
N GLY A 225 -2.31 -31.95 -17.52
CA GLY A 225 -1.27 -32.88 -17.07
C GLY A 225 -0.04 -32.12 -16.60
N ASP A 226 1.11 -32.43 -17.20
CA ASP A 226 2.36 -31.74 -16.89
C ASP A 226 2.67 -30.53 -17.78
N GLN A 227 1.81 -30.26 -18.76
CA GLN A 227 2.02 -29.14 -19.68
C GLN A 227 1.48 -27.82 -19.12
N GLU A 228 2.39 -26.85 -18.94
CA GLU A 228 1.99 -25.49 -18.57
C GLU A 228 1.20 -24.89 -19.72
N GLN A 229 0.05 -24.30 -19.42
CA GLN A 229 -0.74 -23.57 -20.39
C GLN A 229 -0.24 -22.13 -20.40
N GLN A 230 0.53 -21.78 -21.43
CA GLN A 230 1.10 -20.43 -21.56
C GLN A 230 0.06 -19.31 -21.79
N GLY A 231 -1.19 -19.68 -22.10
CA GLY A 231 -2.31 -18.74 -22.09
C GLY A 231 -2.71 -18.20 -20.71
N THR A 232 -2.19 -18.81 -19.64
CA THR A 232 -2.42 -18.34 -18.27
C THR A 232 -2.04 -16.86 -18.07
N HIS A 233 -3.02 -16.02 -17.73
CA HIS A 233 -2.79 -14.60 -17.41
C HIS A 233 -2.83 -14.41 -15.88
N ARG A 234 -1.70 -14.04 -15.30
CA ARG A 234 -1.60 -13.77 -13.86
C ARG A 234 -2.15 -12.37 -13.57
N GLY A 235 -3.04 -12.25 -12.59
CA GLY A 235 -3.57 -10.93 -12.17
C GLY A 235 -2.59 -10.15 -11.32
N ASP A 236 -3.04 -9.03 -10.75
CA ASP A 236 -2.23 -8.26 -9.81
C ASP A 236 -2.27 -8.93 -8.44
N PHE A 237 -1.21 -8.74 -7.65
CA PHE A 237 -1.18 -9.19 -6.27
C PHE A 237 -2.03 -8.21 -5.48
N LEU A 238 -3.04 -8.73 -4.79
CA LEU A 238 -3.96 -7.94 -3.97
C LEU A 238 -3.77 -8.30 -2.50
N PRO A 239 -3.78 -7.28 -1.61
CA PRO A 239 -3.58 -7.57 -0.22
C PRO A 239 -4.86 -8.04 0.46
N ASN A 240 -4.72 -9.04 1.32
CA ASN A 240 -5.75 -9.33 2.31
C ASN A 240 -5.43 -8.45 3.51
N ALA A 241 -6.41 -8.32 4.40
CA ALA A 241 -6.26 -7.47 5.59
C ALA A 241 -5.42 -8.10 6.73
N ASP A 242 -5.08 -9.39 6.60
CA ASP A 242 -4.30 -10.13 7.60
C ASP A 242 -2.82 -10.38 7.21
N GLU A 243 -2.24 -9.44 6.44
CA GLU A 243 -0.83 -9.52 6.00
C GLU A 243 -0.55 -10.83 5.27
N THR A 244 -1.47 -11.17 4.37
CA THR A 244 -1.29 -12.22 3.39
C THR A 244 -1.72 -11.66 2.04
N TRP A 245 -1.47 -12.45 1.01
CA TRP A 245 -1.69 -12.01 -0.36
C TRP A 245 -2.76 -12.80 -1.06
N TYR A 246 -3.34 -12.19 -2.09
CA TYR A 246 -4.36 -12.78 -2.95
C TYR A 246 -3.92 -12.59 -4.40
N LEU A 247 -4.04 -13.65 -5.19
CA LEU A 247 -3.74 -13.60 -6.62
C LEU A 247 -4.69 -14.51 -7.36
N GLN A 248 -5.10 -14.12 -8.56
CA GLN A 248 -5.80 -15.04 -9.44
C GLN A 248 -5.05 -15.17 -10.75
N ALA A 249 -5.17 -16.35 -11.34
CA ALA A 249 -4.63 -16.63 -12.66
C ALA A 249 -5.78 -17.13 -13.52
N THR A 250 -5.94 -16.52 -14.70
CA THR A 250 -7.05 -16.85 -15.59
C THR A 250 -6.53 -17.53 -16.85
N LEU A 251 -7.38 -18.37 -17.43
CA LEU A 251 -7.10 -19.03 -18.70
C LEU A 251 -8.36 -18.96 -19.58
N ASP A 252 -8.20 -18.43 -20.79
CA ASP A 252 -9.26 -18.45 -21.80
C ASP A 252 -9.21 -19.78 -22.55
N VAL A 253 -10.31 -20.52 -22.50
CA VAL A 253 -10.42 -21.85 -23.13
C VAL A 253 -11.65 -21.94 -24.03
N GLU A 254 -11.61 -22.87 -24.99
CA GLU A 254 -12.77 -23.20 -25.81
C GLU A 254 -13.75 -24.04 -24.98
N ALA A 255 -15.05 -23.87 -25.24
CA ALA A 255 -16.09 -24.62 -24.55
C ALA A 255 -15.97 -26.12 -24.85
N GLY A 256 -16.23 -26.95 -23.84
CA GLY A 256 -16.02 -28.40 -23.94
C GLY A 256 -14.59 -28.87 -23.68
N GLU A 257 -13.63 -27.94 -23.63
CA GLU A 257 -12.21 -28.24 -23.50
C GLU A 257 -11.70 -28.04 -22.07
N GLU A 258 -12.62 -27.96 -21.10
CA GLU A 258 -12.27 -27.66 -19.71
C GLU A 258 -11.83 -28.90 -18.97
N ALA A 259 -12.29 -30.07 -19.41
CA ALA A 259 -11.93 -31.33 -18.76
C ALA A 259 -10.45 -31.64 -19.00
N GLY A 260 -9.79 -32.15 -17.96
CA GLY A 260 -8.34 -32.34 -17.98
C GLY A 260 -7.51 -31.15 -17.52
N LEU A 261 -8.11 -29.97 -17.35
CA LEU A 261 -7.37 -28.81 -16.85
C LEU A 261 -7.28 -28.81 -15.33
N ALA A 262 -6.22 -28.21 -14.83
CA ALA A 262 -6.02 -28.07 -13.41
C ALA A 262 -5.23 -26.82 -13.10
N CYS A 263 -5.46 -26.28 -11.91
CA CYS A 263 -4.65 -25.19 -11.40
C CYS A 263 -3.67 -25.72 -10.39
N ARG A 264 -2.39 -25.40 -10.60
CA ARG A 264 -1.30 -25.83 -9.75
C ARG A 264 -0.66 -24.63 -9.07
N VAL A 265 -0.49 -24.72 -7.75
CA VAL A 265 0.11 -23.66 -6.94
C VAL A 265 1.36 -24.19 -6.23
N LYS A 266 2.46 -23.49 -6.45
CA LYS A 266 3.68 -23.70 -5.70
C LYS A 266 3.90 -22.52 -4.81
N HIS A 267 4.21 -22.80 -3.54
CA HIS A 267 4.54 -21.76 -2.59
C HIS A 267 5.47 -22.29 -1.51
N SER A 268 6.38 -21.43 -1.05
CA SER A 268 7.39 -21.77 -0.04
C SER A 268 6.82 -22.43 1.23
N SER A 269 5.63 -22.01 1.62
CA SER A 269 4.94 -22.53 2.82
C SER A 269 4.44 -23.96 2.72
N LEU A 270 4.37 -24.50 1.50
CA LEU A 270 3.74 -25.80 1.26
C LEU A 270 4.69 -27.00 1.40
N GLY A 271 5.98 -26.74 1.60
CA GLY A 271 6.96 -27.79 1.86
C GLY A 271 7.10 -28.78 0.72
N GLY A 272 6.98 -28.28 -0.51
CA GLY A 272 7.04 -29.12 -1.72
C GLY A 272 5.78 -29.90 -2.08
N GLN A 273 4.71 -29.73 -1.29
CA GLN A 273 3.42 -30.36 -1.57
C GLN A 273 2.47 -29.34 -2.21
N ASP A 274 2.56 -29.25 -3.53
CA ASP A 274 1.79 -28.26 -4.30
C ASP A 274 0.30 -28.47 -4.14
N ILE A 275 -0.45 -27.39 -4.26
CA ILE A 275 -1.89 -27.51 -4.43
C ILE A 275 -2.13 -27.84 -5.89
N ILE A 276 -2.97 -28.84 -6.15
CA ILE A 276 -3.43 -29.13 -7.51
C ILE A 276 -4.92 -29.24 -7.46
N LEU A 277 -5.61 -28.38 -8.19
CA LEU A 277 -7.08 -28.39 -8.24
C LEU A 277 -7.50 -28.69 -9.66
N TYR A 278 -8.19 -29.82 -9.82
CA TYR A 278 -8.66 -30.26 -11.14
C TYR A 278 -10.04 -29.67 -11.40
N TRP A 279 -10.22 -29.11 -12.60
CA TRP A 279 -11.53 -28.58 -13.00
C TRP A 279 -12.54 -29.72 -13.09
N GLN B 1 -7.96 14.27 -10.13
CA GLN B 1 -6.85 14.05 -11.11
C GLN B 1 -6.65 12.59 -11.53
N LYS B 2 -6.71 11.64 -10.59
CA LYS B 2 -6.61 10.20 -10.94
C LYS B 2 -7.79 9.41 -10.36
N THR B 3 -8.42 8.61 -11.23
CA THR B 3 -9.67 7.89 -10.92
C THR B 3 -9.40 6.58 -10.18
N PRO B 4 -10.14 6.32 -9.08
CA PRO B 4 -9.91 5.08 -8.33
C PRO B 4 -10.34 3.80 -9.05
N GLN B 5 -9.48 2.78 -8.99
CA GLN B 5 -9.80 1.43 -9.46
C GLN B 5 -10.25 0.62 -8.25
N ILE B 6 -11.27 -0.21 -8.43
CA ILE B 6 -11.91 -0.93 -7.33
C ILE B 6 -11.92 -2.41 -7.62
N GLN B 7 -11.41 -3.21 -6.68
CA GLN B 7 -11.40 -4.66 -6.80
C GLN B 7 -12.03 -5.26 -5.55
N VAL B 8 -12.95 -6.20 -5.74
CA VAL B 8 -13.68 -6.82 -4.67
C VAL B 8 -13.49 -8.33 -4.71
N TYR B 9 -13.05 -8.89 -3.60
CA TYR B 9 -12.61 -10.28 -3.52
C TYR B 9 -12.71 -10.78 -2.08
N SER B 10 -12.84 -12.10 -1.91
CA SER B 10 -13.03 -12.68 -0.58
C SER B 10 -11.72 -13.27 -0.07
N ARG B 11 -11.58 -13.30 1.25
CA ARG B 11 -10.37 -13.83 1.89
C ARG B 11 -10.26 -15.34 1.76
N HIS B 12 -11.40 -16.01 1.93
CA HIS B 12 -11.50 -17.48 1.86
C HIS B 12 -12.41 -17.88 0.70
N PRO B 13 -12.36 -19.16 0.29
CA PRO B 13 -13.28 -19.60 -0.76
C PRO B 13 -14.73 -19.26 -0.38
N PRO B 14 -15.47 -18.58 -1.27
CA PRO B 14 -16.84 -18.21 -0.90
C PRO B 14 -17.72 -19.45 -0.92
N GLU B 15 -18.20 -19.85 0.24
CA GLU B 15 -19.12 -20.96 0.36
C GLU B 15 -20.36 -20.46 1.06
N ASN B 16 -21.52 -20.74 0.47
CA ASN B 16 -22.78 -20.23 1.01
C ASN B 16 -22.98 -20.70 2.45
N GLY B 17 -23.40 -19.77 3.30
CA GLY B 17 -23.64 -20.04 4.70
C GLY B 17 -22.43 -20.04 5.63
N LYS B 18 -21.21 -19.86 5.09
CA LYS B 18 -20.00 -19.90 5.92
C LYS B 18 -19.44 -18.49 6.08
N PRO B 19 -19.24 -18.01 7.33
CA PRO B 19 -18.63 -16.69 7.54
C PRO B 19 -17.27 -16.56 6.84
N ASN B 20 -16.98 -15.36 6.36
CA ASN B 20 -15.83 -15.11 5.47
C ASN B 20 -15.51 -13.62 5.62
N ILE B 21 -14.54 -13.13 4.87
CA ILE B 21 -14.20 -11.71 4.87
C ILE B 21 -14.20 -11.24 3.43
N LEU B 22 -14.91 -10.14 3.17
CA LEU B 22 -14.93 -9.50 1.86
C LEU B 22 -14.01 -8.28 1.87
N ASN B 23 -13.15 -8.20 0.86
CA ASN B 23 -12.20 -7.11 0.69
C ASN B 23 -12.60 -6.20 -0.45
N CYS B 24 -12.39 -4.91 -0.24
CA CYS B 24 -12.51 -3.93 -1.29
C CYS B 24 -11.21 -3.13 -1.33
N TYR B 25 -10.45 -3.31 -2.39
CA TYR B 25 -9.15 -2.69 -2.56
C TYR B 25 -9.30 -1.57 -3.58
N VAL B 26 -9.04 -0.35 -3.14
CA VAL B 26 -9.21 0.85 -3.96
C VAL B 26 -7.84 1.46 -4.22
N THR B 27 -7.50 1.66 -5.49
CA THR B 27 -6.13 2.03 -5.88
C THR B 27 -6.12 3.09 -6.98
N GLN B 28 -4.92 3.60 -7.24
CA GLN B 28 -4.64 4.46 -8.38
C GLN B 28 -5.39 5.81 -8.38
N PHE B 29 -5.72 6.32 -7.18
CA PHE B 29 -6.44 7.60 -7.05
C PHE B 29 -5.58 8.76 -6.50
N HIS B 30 -5.96 9.97 -6.89
CA HIS B 30 -5.40 11.23 -6.38
C HIS B 30 -6.46 12.30 -6.66
N PRO B 31 -6.80 13.20 -5.71
CA PRO B 31 -6.20 13.34 -4.39
C PRO B 31 -6.61 12.24 -3.40
N PRO B 32 -5.94 12.18 -2.23
CA PRO B 32 -6.22 11.09 -1.27
C PRO B 32 -7.60 11.12 -0.60
N HIS B 33 -8.26 12.26 -0.54
CA HIS B 33 -9.59 12.30 0.08
C HIS B 33 -10.56 11.40 -0.67
N ILE B 34 -11.22 10.48 0.03
CA ILE B 34 -12.07 9.49 -0.64
C ILE B 34 -13.09 8.94 0.35
N GLU B 35 -14.24 8.50 -0.16
CA GLU B 35 -15.26 7.91 0.68
C GLU B 35 -15.56 6.52 0.16
N ILE B 36 -15.45 5.52 1.02
CA ILE B 36 -15.60 4.11 0.65
C ILE B 36 -16.61 3.45 1.57
N GLN B 37 -17.63 2.85 0.95
CA GLN B 37 -18.63 2.07 1.65
C GLN B 37 -18.68 0.69 1.04
N MET B 38 -19.02 -0.29 1.87
CA MET B 38 -19.35 -1.63 1.42
C MET B 38 -20.85 -1.82 1.67
N LEU B 39 -21.51 -2.48 0.72
CA LEU B 39 -22.96 -2.60 0.66
C LEU B 39 -23.38 -4.06 0.70
N LYS B 40 -24.43 -4.37 1.47
CA LYS B 40 -25.13 -5.64 1.41
C LYS B 40 -26.57 -5.37 0.93
N ASN B 41 -26.94 -5.94 -0.20
CA ASN B 41 -28.23 -5.69 -0.84
C ASN B 41 -28.50 -4.19 -0.96
N GLY B 42 -27.49 -3.44 -1.40
CA GLY B 42 -27.61 -2.01 -1.65
C GLY B 42 -27.58 -1.08 -0.46
N LYS B 43 -27.49 -1.64 0.75
CA LYS B 43 -27.51 -0.89 2.01
C LYS B 43 -26.12 -0.92 2.63
N LYS B 44 -25.72 0.21 3.21
CA LYS B 44 -24.41 0.37 3.82
C LYS B 44 -24.19 -0.60 4.98
N ILE B 45 -23.05 -1.30 4.97
CA ILE B 45 -22.64 -2.20 6.04
C ILE B 45 -21.92 -1.35 7.11
N PRO B 46 -22.33 -1.48 8.39
CA PRO B 46 -21.84 -0.55 9.42
C PRO B 46 -20.38 -0.74 9.88
N LYS B 47 -19.93 -1.97 10.10
CA LYS B 47 -18.65 -2.19 10.82
C LYS B 47 -17.36 -2.22 9.96
N VAL B 48 -17.37 -1.60 8.78
CA VAL B 48 -16.28 -1.78 7.79
C VAL B 48 -14.96 -1.22 8.30
N GLU B 49 -13.94 -2.08 8.32
CA GLU B 49 -12.59 -1.70 8.79
C GLU B 49 -11.75 -1.23 7.61
N MET B 50 -10.89 -0.26 7.85
CA MET B 50 -10.07 0.34 6.80
C MET B 50 -8.61 0.28 7.21
N SER B 51 -7.75 -0.05 6.25
CA SER B 51 -6.31 0.08 6.45
C SER B 51 -5.95 1.55 6.48
N ASP B 52 -4.73 1.85 6.94
CA ASP B 52 -4.20 3.20 6.79
C ASP B 52 -4.02 3.49 5.32
N MET B 53 -4.33 4.71 4.89
CA MET B 53 -4.01 5.04 3.51
C MET B 53 -2.52 5.08 3.31
N SER B 54 -2.08 4.61 2.16
CA SER B 54 -0.68 4.60 1.80
C SER B 54 -0.62 4.98 0.35
N PHE B 55 0.58 4.96 -0.22
CA PHE B 55 0.73 5.22 -1.63
C PHE B 55 1.84 4.38 -2.24
N SER B 56 1.74 4.20 -3.56
CA SER B 56 2.62 3.36 -4.32
C SER B 56 3.84 4.13 -4.81
N LYS B 57 4.76 3.40 -5.43
CA LYS B 57 5.93 3.98 -6.12
C LYS B 57 5.56 5.11 -7.07
N ASP B 58 4.47 4.95 -7.82
CA ASP B 58 3.99 6.00 -8.75
C ASP B 58 3.26 7.18 -8.09
N TRP B 59 3.22 7.19 -6.75
CA TRP B 59 2.61 8.25 -5.93
C TRP B 59 1.09 8.18 -5.80
N SER B 60 0.42 7.29 -6.54
CA SER B 60 -1.02 7.13 -6.44
C SER B 60 -1.35 6.46 -5.10
N PHE B 61 -2.49 6.82 -4.54
CA PHE B 61 -2.90 6.32 -3.23
C PHE B 61 -3.62 4.99 -3.33
N TYR B 62 -3.56 4.23 -2.25
CA TYR B 62 -4.37 3.02 -2.14
C TYR B 62 -4.82 2.76 -0.71
N ILE B 63 -5.90 2.01 -0.59
CA ILE B 63 -6.46 1.69 0.70
C ILE B 63 -7.29 0.43 0.58
N LEU B 64 -7.29 -0.36 1.66
CA LEU B 64 -8.04 -1.60 1.73
C LEU B 64 -9.14 -1.49 2.77
N ALA B 65 -10.38 -1.74 2.34
CA ALA B 65 -11.51 -1.89 3.23
C ALA B 65 -11.87 -3.36 3.31
N HIS B 66 -12.34 -3.79 4.47
CA HIS B 66 -12.88 -5.14 4.61
C HIS B 66 -13.94 -5.24 5.67
N THR B 67 -14.77 -6.27 5.51
CA THR B 67 -15.86 -6.54 6.40
C THR B 67 -16.14 -8.03 6.44
N GLU B 68 -16.65 -8.49 7.58
CA GLU B 68 -17.14 -9.84 7.71
C GLU B 68 -18.36 -9.98 6.80
N PHE B 69 -18.49 -11.13 6.14
CA PHE B 69 -19.70 -11.42 5.38
C PHE B 69 -19.93 -12.92 5.29
N THR B 70 -21.19 -13.28 5.12
CA THR B 70 -21.60 -14.67 4.93
C THR B 70 -22.30 -14.67 3.59
N PRO B 71 -21.64 -15.23 2.55
CA PRO B 71 -22.31 -15.29 1.27
C PRO B 71 -23.47 -16.27 1.31
N THR B 72 -24.54 -15.90 0.62
CA THR B 72 -25.67 -16.80 0.38
C THR B 72 -26.13 -16.48 -1.03
N GLU B 73 -27.02 -17.28 -1.58
CA GLU B 73 -27.54 -16.98 -2.91
C GLU B 73 -28.82 -16.14 -2.87
N THR B 74 -29.01 -15.38 -1.78
CA THR B 74 -30.03 -14.36 -1.71
C THR B 74 -29.47 -12.96 -1.39
N ASP B 75 -28.14 -12.81 -1.32
CA ASP B 75 -27.51 -11.54 -0.93
C ASP B 75 -26.50 -11.08 -1.96
N THR B 76 -26.55 -9.80 -2.31
CA THR B 76 -25.51 -9.18 -3.13
C THR B 76 -24.60 -8.35 -2.23
N TYR B 77 -23.37 -8.17 -2.69
CA TYR B 77 -22.38 -7.34 -1.98
C TYR B 77 -21.67 -6.47 -2.97
N ALA B 78 -21.32 -5.26 -2.52
CA ALA B 78 -20.69 -4.29 -3.37
C ALA B 78 -19.78 -3.35 -2.58
N CYS B 79 -19.00 -2.61 -3.33
CA CYS B 79 -18.13 -1.55 -2.79
C CYS B 79 -18.39 -0.28 -3.57
N ARG B 80 -18.73 0.79 -2.86
CA ARG B 80 -19.10 2.05 -3.48
C ARG B 80 -18.11 3.12 -3.05
N VAL B 81 -17.62 3.88 -4.03
CA VAL B 81 -16.53 4.85 -3.85
C VAL B 81 -16.97 6.21 -4.36
N LYS B 82 -16.86 7.24 -3.51
CA LYS B 82 -17.03 8.64 -3.92
C LYS B 82 -15.67 9.32 -3.91
N HIS B 83 -15.36 10.01 -5.01
CA HIS B 83 -14.07 10.67 -5.18
C HIS B 83 -14.22 11.85 -6.15
N ALA B 84 -13.45 12.92 -5.94
CA ALA B 84 -13.59 14.15 -6.74
C ALA B 84 -13.36 13.95 -8.25
N SER B 85 -12.58 12.95 -8.61
CA SER B 85 -12.37 12.56 -10.01
C SER B 85 -13.61 12.03 -10.76
N MET B 86 -14.68 11.71 -10.04
CA MET B 86 -15.88 11.13 -10.64
C MET B 86 -17.10 11.95 -10.30
N ALA B 87 -17.93 12.22 -11.33
CA ALA B 87 -19.17 12.98 -11.16
C ALA B 87 -20.13 12.29 -10.18
N GLU B 88 -20.26 10.97 -10.31
CA GLU B 88 -21.15 10.15 -9.48
C GLU B 88 -20.34 9.09 -8.73
N PRO B 89 -20.87 8.58 -7.60
CA PRO B 89 -20.20 7.44 -6.95
C PRO B 89 -20.11 6.24 -7.88
N LYS B 90 -19.02 5.49 -7.76
CA LYS B 90 -18.77 4.32 -8.59
C LYS B 90 -18.96 3.09 -7.71
N THR B 91 -19.79 2.16 -8.17
CA THR B 91 -20.08 0.94 -7.44
C THR B 91 -19.62 -0.26 -8.25
N VAL B 92 -18.90 -1.15 -7.58
CA VAL B 92 -18.46 -2.41 -8.15
C VAL B 92 -19.07 -3.52 -7.31
N TYR B 93 -19.81 -4.41 -7.96
CA TYR B 93 -20.44 -5.55 -7.30
C TYR B 93 -19.46 -6.71 -7.23
N TRP B 94 -19.46 -7.38 -6.09
CA TRP B 94 -18.75 -8.65 -5.94
C TRP B 94 -19.33 -9.59 -6.98
N ASP B 95 -18.45 -10.20 -7.79
CA ASP B 95 -18.86 -11.05 -8.93
C ASP B 95 -19.26 -12.47 -8.52
N ARG B 96 -19.19 -12.73 -7.21
CA ARG B 96 -19.66 -13.95 -6.54
C ARG B 96 -18.64 -15.10 -6.58
N ASP B 97 -17.54 -14.90 -7.30
CA ASP B 97 -16.47 -15.88 -7.43
C ASP B 97 -15.17 -15.42 -6.78
N MET B 98 -14.85 -14.14 -6.94
CA MET B 98 -13.62 -13.52 -6.40
C MET B 98 -13.52 -13.61 -4.88
C1 NAG C . 25.94 10.91 2.96
C2 NAG C . 27.15 11.82 3.24
C3 NAG C . 27.37 12.74 2.05
C4 NAG C . 27.43 11.95 0.74
C5 NAG C . 26.28 10.95 0.60
C6 NAG C . 26.49 10.06 -0.61
C7 NAG C . 27.32 12.11 5.70
C8 NAG C . 27.20 13.01 6.89
N2 NAG C . 27.03 12.61 4.47
O3 NAG C . 28.61 13.44 2.26
O4 NAG C . 27.36 12.82 -0.41
O5 NAG C . 26.21 10.15 1.78
O6 NAG C . 25.41 9.12 -0.70
O7 NAG C . 27.64 10.94 5.86
C1 NAG C . 28.65 13.08 -0.99
C2 NAG C . 28.51 13.55 -2.43
C3 NAG C . 29.86 13.89 -3.04
C4 NAG C . 30.66 14.81 -2.14
C5 NAG C . 30.69 14.32 -0.69
C6 NAG C . 31.36 15.35 0.21
C7 NAG C . 26.86 12.78 -4.09
C8 NAG C . 26.32 11.61 -4.86
N2 NAG C . 27.87 12.52 -3.25
O3 NAG C . 29.63 14.55 -4.30
O4 NAG C . 32.01 14.95 -2.58
O5 NAG C . 29.34 14.06 -0.24
O6 NAG C . 30.93 15.25 1.57
O7 NAG C . 26.39 13.88 -4.23
C1 BMA C . 32.22 16.13 -3.38
C2 BMA C . 33.63 16.66 -3.14
C3 BMA C . 33.95 17.83 -4.05
C4 BMA C . 33.60 17.50 -5.50
C5 BMA C . 32.19 16.91 -5.63
C6 BMA C . 31.90 16.44 -7.04
O2 BMA C . 34.52 15.57 -3.39
O3 BMA C . 35.36 18.19 -3.97
O4 BMA C . 33.70 18.68 -6.30
O5 BMA C . 32.04 15.80 -4.76
O6 BMA C . 30.53 15.97 -7.11
C1 MAN C . 35.60 19.39 -3.19
C2 MAN C . 37.01 19.92 -3.47
C3 MAN C . 38.10 19.16 -2.72
C4 MAN C . 37.74 18.89 -1.26
C5 MAN C . 36.33 18.33 -1.13
C6 MAN C . 35.91 18.18 0.33
O2 MAN C . 37.06 21.30 -3.12
O3 MAN C . 39.35 19.89 -2.76
O4 MAN C . 38.69 17.94 -0.76
O5 MAN C . 35.40 19.21 -1.78
O6 MAN C . 34.62 17.55 0.38
C1 MAN C . 30.15 15.69 -8.47
C2 MAN C . 28.64 15.39 -8.52
C3 MAN C . 28.35 14.07 -7.81
C4 MAN C . 29.20 12.95 -8.39
C5 MAN C . 30.69 13.34 -8.41
C6 MAN C . 31.52 12.28 -9.15
O2 MAN C . 28.17 15.34 -9.88
O3 MAN C . 26.95 13.77 -7.93
O4 MAN C . 28.99 11.76 -7.64
O5 MAN C . 30.88 14.60 -9.06
O6 MAN C . 32.86 12.75 -9.36
C1 FUC C . 24.33 9.55 -1.58
C2 FUC C . 23.51 8.31 -1.91
C3 FUC C . 22.95 7.72 -0.64
C4 FUC C . 22.06 8.78 0.05
C5 FUC C . 22.80 10.13 0.20
C6 FUC C . 21.84 11.24 0.62
O2 FUC C . 24.32 7.34 -2.57
O3 FUC C . 22.20 6.53 -0.93
O4 FUC C . 20.87 8.97 -0.72
O5 FUC C . 23.45 10.53 -1.02
C1 NAG D . -10.93 24.48 4.85
C2 NAG D . -12.36 25.02 4.92
C3 NAG D . -13.34 24.07 5.62
C4 NAG D . -13.16 22.61 5.19
C5 NAG D . -11.68 22.23 5.25
C6 NAG D . -11.43 20.81 4.78
C7 NAG D . -12.46 27.48 5.03
C8 NAG D . -12.41 28.66 5.96
N2 NAG D . -12.34 26.29 5.63
O3 NAG D . -14.68 24.47 5.33
O4 NAG D . -13.94 21.73 6.01
O5 NAG D . -10.94 23.12 4.42
O6 NAG D . -11.87 20.67 3.42
O7 NAG D . -12.59 27.64 3.83
C1 NAG E . -3.43 18.01 12.50
C2 NAG E . -4.70 18.80 12.67
C3 NAG E . -4.37 20.24 13.02
C4 NAG E . -3.48 20.30 14.25
C5 NAG E . -2.23 19.49 13.96
C6 NAG E . -1.26 19.51 15.14
C7 NAG E . -6.68 18.22 11.33
C8 NAG E . -7.36 18.36 10.01
N2 NAG E . -5.48 18.80 11.44
O3 NAG E . -5.57 20.97 13.25
O4 NAG E . -3.17 21.66 14.55
O5 NAG E . -2.59 18.15 13.66
O6 NAG E . -1.92 19.03 16.32
O7 NAG E . -7.24 17.62 12.25
C1 PLM F . 7.64 10.79 8.59
O1 PLM F . 7.31 11.86 9.13
O2 PLM F . 7.47 10.47 7.40
C2 PLM F . 8.35 9.76 9.46
C3 PLM F . 7.35 9.18 10.43
C4 PLM F . 7.68 7.71 10.61
C5 PLM F . 8.94 7.62 11.45
C6 PLM F . 9.14 6.11 11.65
C7 PLM F . 10.44 5.72 12.34
C8 PLM F . 11.57 6.41 11.60
C9 PLM F . 12.83 5.65 11.95
CA PLM F . 13.96 6.57 11.49
CB PLM F . 14.71 5.87 10.38
CC PLM F . 15.71 6.89 9.85
CD PLM F . 15.48 7.14 8.37
CE PLM F . 14.10 7.78 8.19
CF PLM F . 14.21 8.72 7.00
CG PLM F . 12.97 9.63 7.06
C25 J76 G . 12.09 13.17 6.33
C24 J76 G . 12.48 14.63 6.35
C23 J76 G . 13.35 14.73 7.59
C22 J76 G . 13.74 16.19 7.68
C21 J76 G . 14.40 16.39 9.04
C20 J76 G . 14.61 17.90 9.10
C19 J76 G . 15.21 18.28 10.43
C30 J76 G . 14.40 19.52 10.93
O2 J76 G . 13.48 19.33 11.72
N J76 G . 14.66 20.75 10.41
C1 J76 G . 13.91 21.97 10.86
C J76 G . 14.60 22.47 12.14
OC1 J76 G . 15.56 23.50 11.78
CG1 J76 G . 16.31 24.09 12.91
OG J76 G . 16.66 23.15 13.95
CG J76 G . 17.70 22.16 13.66
CG5 J76 G . 17.99 21.54 15.02
OG6 J76 G . 16.88 20.62 15.21
CG4 J76 G . 18.97 22.78 13.04
OG5 J76 G . 19.75 23.45 14.05
CG3 J76 G . 18.61 23.76 11.92
OG4 J76 G . 19.79 24.45 11.50
CG2 J76 G . 17.59 24.78 12.40
OG3 J76 G . 17.27 25.68 11.32
C2 J76 G . 13.78 23.05 9.73
O1 J76 G . 12.79 24.02 10.12
C3 J76 G . 13.40 22.47 8.36
O32 J76 G . 13.20 23.57 7.45
C4 J76 G . 12.16 21.59 8.46
C5 J76 G . 11.49 21.40 7.10
C6 J76 G . 12.53 20.81 6.18
C7 J76 G . 11.84 20.33 4.89
O J76 G . 11.66 19.12 4.71
N1 J76 G . 11.49 21.32 4.04
C18 J76 G . 11.02 21.14 2.78
C17 J76 G . 10.46 22.26 2.17
C16 J76 G . 10.00 22.22 0.86
C13 J76 G . 11.17 19.96 2.00
C14 J76 G . 10.71 19.92 0.68
C15 J76 G . 10.10 21.05 0.12
C8 J76 G . 9.68 21.05 -1.19
C9 J76 G . 8.53 20.15 -1.42
C10 J76 G . 7.20 20.87 -1.22
C11 J76 G . 6.96 21.56 -2.57
C12 J76 G . 5.76 22.49 -2.43
#